data_4QRD
#
_entry.id   4QRD
#
_cell.length_a   62.438
_cell.length_b   76.726
_cell.length_c   118.222
_cell.angle_alpha   90.000
_cell.angle_beta   90.000
_cell.angle_gamma   90.000
#
_symmetry.space_group_name_H-M   'P 21 21 21'
#
loop_
_entity.id
_entity.type
_entity.pdbx_description
1 polymer 'Methionyl-tRNA synthetase'
2 non-polymer 'MAGNESIUM ION'
3 non-polymer "N-(1H-benzimidazol-2-ylmethyl)-N'-(2,4-dichlorophenyl)-6-(morpholin-4-yl)-1,3,5-triazine-2,4-diamine"
4 water water
#
_entity_poly.entity_id   1
_entity_poly.type   'polypeptide(L)'
_entity_poly.pdbx_seq_one_letter_code
;MGHHHHHHDYDIPTTENLYFQGAHMASMAKETFYITTPIYYPSGNLHIGHAYSTVAGDVIARYKRMQGYDVRYLTGTDEH
GQKIQEKAQKAGKTEIEYLDEMIAGIKQLWAKLEISNDDFIRTTEERHKHVVEQVFERLLKQGDIYLGEYEGWYSVPDET
YYTESQLVDPQYENGKIIGGKSPDSGHEVELVKEESYFFNISKYTDRLLEFYDQNPDFIQPPSRKNEMINNFIKPGLADL
AVSRTSFNWGVHVPSNPKHVVYVWIDALVNYISALGYLSDDESLFNKYWPADIHLMAKEIVRFHSIIWPILLMALDLPLP
KKVFAHGWILMKDGKMSKSKGNVVDPNILIDRYGLDATRYYLMRELPFGSDGVFTPEAFVERTNFDLANDLGNLVNRTIS
MVNKYFDGELPAYQGPLHELDEEMEAMALETVKSYTESMESLQFSVALSTVWKFISRTNKYIDETTPWVLAKDDSQKDML
GNVMAHLVENIRYAAVLLRPFLTHAPKEIFEQLNINNPQFMEFSSLEQYGVLTESIMVTGQPKPIFP
;
_entity_poly.pdbx_strand_id   A
#
loop_
_chem_comp.id
_chem_comp.type
_chem_comp.name
_chem_comp.formula
3BJ non-polymer N-(1H-benzimidazol-2-ylmethyl)-N'-(2,4-dichlorophenyl)-6-(morpholin-4-yl)-1,3,5-triazine-2,4-diamine 'C21 H20 Cl2 N8 O'
MG non-polymer 'MAGNESIUM ION' 'Mg 2'
#
# COMPACT_ATOMS: atom_id res chain seq x y z
N ALA A 29 9.11 -5.84 25.11
CA ALA A 29 8.41 -6.05 23.79
C ALA A 29 9.12 -5.39 22.62
N LYS A 30 9.12 -6.04 21.46
CA LYS A 30 9.33 -5.30 20.22
C LYS A 30 8.22 -4.26 20.23
N GLU A 31 8.55 -3.01 19.91
CA GLU A 31 7.52 -1.96 19.77
C GLU A 31 6.58 -2.40 18.66
N THR A 32 5.27 -2.13 18.78
CA THR A 32 4.31 -2.64 17.80
C THR A 32 4.15 -1.65 16.63
N PHE A 33 3.73 -2.17 15.48
CA PHE A 33 3.43 -1.34 14.34
C PHE A 33 2.22 -1.91 13.59
N TYR A 34 1.13 -1.15 13.44
CA TYR A 34 -0.06 -1.70 12.83
C TYR A 34 -0.43 -0.91 11.57
N ILE A 35 -0.40 -1.58 10.43
CA ILE A 35 -0.64 -0.94 9.13
C ILE A 35 -1.81 -1.60 8.52
N THR A 36 -2.67 -0.79 7.85
CA THR A 36 -3.85 -1.37 7.17
C THR A 36 -3.95 -0.92 5.69
N THR A 37 -4.65 -1.73 4.90
CA THR A 37 -5.09 -1.38 3.54
C THR A 37 -6.60 -1.24 3.77
N PRO A 38 -7.31 -0.49 2.88
CA PRO A 38 -8.80 -0.57 2.96
C PRO A 38 -9.30 -2.01 2.68
N ILE A 39 -10.57 -2.30 2.94
CA ILE A 39 -11.20 -3.55 2.52
C ILE A 39 -11.74 -3.31 1.11
N TYR A 40 -11.37 -4.22 0.22
CA TYR A 40 -11.71 -4.16 -1.20
C TYR A 40 -13.13 -4.72 -1.43
N TYR A 41 -13.84 -4.17 -2.41
CA TYR A 41 -15.22 -4.61 -2.74
C TYR A 41 -15.17 -5.67 -3.85
N PRO A 42 -15.64 -6.90 -3.59
CA PRO A 42 -15.50 -7.99 -4.57
C PRO A 42 -16.44 -7.97 -5.82
N SER A 43 -16.22 -6.97 -6.69
CA SER A 43 -16.82 -6.89 -8.02
C SER A 43 -16.27 -7.96 -9.00
N GLY A 44 -14.95 -8.22 -8.93
CA GLY A 44 -14.36 -9.34 -9.65
C GLY A 44 -13.11 -9.13 -10.48
N ASN A 45 -12.75 -7.88 -10.72
CA ASN A 45 -11.65 -7.55 -11.65
C ASN A 45 -10.78 -6.51 -10.98
N LEU A 46 -9.52 -6.86 -10.72
CA LEU A 46 -8.61 -6.02 -9.92
C LEU A 46 -7.55 -5.34 -10.76
N HIS A 47 -7.46 -4.01 -10.66
CA HIS A 47 -6.39 -3.31 -11.36
C HIS A 47 -5.08 -3.20 -10.56
N ILE A 48 -4.04 -2.72 -11.25
CA ILE A 48 -2.75 -2.38 -10.69
C ILE A 48 -2.85 -1.38 -9.52
N GLY A 49 -3.95 -0.63 -9.46
CA GLY A 49 -4.21 0.36 -8.40
C GLY A 49 -4.80 -0.25 -7.14
N HIS A 50 -5.57 -1.30 -7.30
CA HIS A 50 -5.97 -2.06 -6.14
C HIS A 50 -4.72 -2.72 -5.67
N ALA A 51 -3.94 -3.29 -6.61
CA ALA A 51 -2.58 -3.87 -6.34
C ALA A 51 -1.60 -2.90 -5.70
N TYR A 52 -1.63 -1.63 -6.13
CA TYR A 52 -0.74 -0.63 -5.59
C TYR A 52 -0.86 -0.58 -4.11
N SER A 53 -2.11 -0.64 -3.59
CA SER A 53 -2.34 -0.40 -2.12
C SER A 53 -1.74 -1.51 -1.29
N THR A 54 -1.99 -2.74 -1.71
CA THR A 54 -1.50 -3.89 -0.99
CA THR A 54 -1.48 -3.89 -0.97
C THR A 54 0.02 -3.99 -1.09
N VAL A 55 0.57 -3.72 -2.26
CA VAL A 55 2.02 -3.80 -2.47
C VAL A 55 2.74 -2.78 -1.58
N ALA A 56 2.31 -1.50 -1.66
CA ALA A 56 2.78 -0.42 -0.77
C ALA A 56 2.61 -0.70 0.72
N GLY A 57 1.41 -1.11 1.16
CA GLY A 57 1.28 -1.59 2.53
C GLY A 57 2.37 -2.61 2.84
N ASP A 58 2.62 -3.53 1.91
CA ASP A 58 3.61 -4.63 2.10
C ASP A 58 5.00 -4.04 2.22
N VAL A 59 5.33 -3.03 1.41
CA VAL A 59 6.62 -2.39 1.50
C VAL A 59 6.75 -1.79 2.90
N ILE A 60 5.69 -1.20 3.41
CA ILE A 60 5.78 -0.55 4.72
C ILE A 60 6.00 -1.61 5.81
N ALA A 61 5.23 -2.67 5.69
CA ALA A 61 5.25 -3.81 6.63
C ALA A 61 6.61 -4.50 6.71
N ARG A 62 7.18 -4.80 5.52
CA ARG A 62 8.51 -5.47 5.33
C ARG A 62 9.59 -4.59 5.89
N TYR A 63 9.41 -3.31 5.70
CA TYR A 63 10.39 -2.30 6.14
C TYR A 63 10.33 -2.18 7.67
N LYS A 64 9.14 -2.26 8.25
CA LYS A 64 8.98 -2.09 9.70
C LYS A 64 9.47 -3.30 10.47
N ARG A 65 9.24 -4.45 9.91
CA ARG A 65 9.72 -5.67 10.43
C ARG A 65 11.26 -5.67 10.39
N MET A 66 11.87 -5.21 9.29
CA MET A 66 13.34 -5.10 9.21
C MET A 66 13.92 -4.10 10.21
N GLN A 67 13.13 -3.13 10.62
CA GLN A 67 13.54 -2.13 11.63
C GLN A 67 13.32 -2.61 13.08
N GLY A 68 12.71 -3.78 13.22
CA GLY A 68 12.63 -4.47 14.52
C GLY A 68 11.26 -4.38 15.20
N TYR A 69 10.23 -3.93 14.47
CA TYR A 69 8.89 -3.75 15.02
C TYR A 69 8.12 -5.07 14.99
N ASP A 70 7.14 -5.19 15.89
CA ASP A 70 6.19 -6.29 15.89
C ASP A 70 5.13 -5.78 14.95
N VAL A 71 5.15 -6.22 13.69
CA VAL A 71 4.21 -5.80 12.70
C VAL A 71 2.94 -6.63 12.64
N ARG A 72 1.80 -5.93 12.49
CA ARG A 72 0.60 -6.52 12.05
C ARG A 72 0.15 -5.75 10.80
N TYR A 73 -0.06 -6.51 9.74
CA TYR A 73 -0.48 -5.92 8.45
C TYR A 73 -1.78 -6.53 8.01
N LEU A 74 -2.80 -5.66 7.86
CA LEU A 74 -4.16 -6.10 7.56
C LEU A 74 -4.64 -5.66 6.19
N THR A 75 -5.25 -6.60 5.48
CA THR A 75 -6.11 -6.31 4.32
C THR A 75 -7.44 -7.10 4.44
N GLY A 76 -8.32 -7.03 3.46
CA GLY A 76 -9.57 -7.81 3.50
C GLY A 76 -10.61 -7.32 2.54
N THR A 77 -11.85 -7.71 2.76
CA THR A 77 -12.92 -7.41 1.77
C THR A 77 -14.20 -6.97 2.41
N ASP A 78 -14.89 -6.09 1.69
CA ASP A 78 -16.13 -5.42 1.99
C ASP A 78 -17.17 -6.23 1.25
N GLU A 79 -17.98 -7.02 1.92
CA GLU A 79 -18.75 -8.11 1.27
C GLU A 79 -20.26 -7.98 1.19
N HIS A 80 -20.79 -6.86 1.70
CA HIS A 80 -22.20 -6.66 1.92
C HIS A 80 -22.75 -5.61 0.92
N GLY A 81 -24.09 -5.57 0.86
CA GLY A 81 -24.80 -4.56 0.06
C GLY A 81 -25.64 -5.15 -1.06
N GLN A 82 -26.49 -4.29 -1.62
CA GLN A 82 -27.35 -4.57 -2.75
C GLN A 82 -26.61 -5.13 -3.99
N LYS A 83 -25.49 -4.54 -4.34
CA LYS A 83 -24.74 -4.92 -5.54
C LYS A 83 -24.23 -6.39 -5.41
N ILE A 84 -23.88 -6.84 -4.22
CA ILE A 84 -23.43 -8.24 -4.11
C ILE A 84 -24.55 -9.23 -4.29
N GLN A 85 -25.71 -8.96 -3.67
CA GLN A 85 -26.96 -9.71 -3.85
C GLN A 85 -27.25 -9.96 -5.31
N GLU A 86 -27.27 -8.85 -6.06
CA GLU A 86 -27.42 -8.85 -7.51
C GLU A 86 -26.31 -9.63 -8.25
N LYS A 87 -25.04 -9.36 -7.97
CA LYS A 87 -23.96 -10.11 -8.63
C LYS A 87 -24.18 -11.59 -8.42
N ALA A 88 -24.39 -11.99 -7.18
CA ALA A 88 -24.55 -13.38 -6.82
C ALA A 88 -25.68 -14.01 -7.65
N GLN A 89 -26.77 -13.26 -7.78
CA GLN A 89 -27.99 -13.77 -8.42
C GLN A 89 -27.85 -13.95 -9.93
N LYS A 90 -27.07 -13.06 -10.55
CA LYS A 90 -26.74 -13.12 -11.99
C LYS A 90 -25.83 -14.31 -12.27
N ALA A 91 -24.78 -14.43 -11.44
CA ALA A 91 -23.90 -15.61 -11.48
C ALA A 91 -24.68 -16.90 -11.13
N GLY A 92 -25.91 -16.71 -10.67
CA GLY A 92 -26.77 -17.80 -10.21
C GLY A 92 -26.21 -18.53 -9.00
N LYS A 93 -25.76 -17.76 -7.99
CA LYS A 93 -25.13 -18.30 -6.72
C LYS A 93 -25.73 -17.60 -5.52
N THR A 94 -25.62 -18.23 -4.37
CA THR A 94 -25.93 -17.54 -3.12
C THR A 94 -24.87 -16.46 -2.94
N GLU A 95 -25.09 -15.56 -1.97
CA GLU A 95 -24.12 -14.49 -1.78
C GLU A 95 -22.79 -15.06 -1.32
N ILE A 96 -22.82 -15.90 -0.29
CA ILE A 96 -21.60 -16.50 0.23
C ILE A 96 -20.78 -17.30 -0.78
N GLU A 97 -21.49 -18.07 -1.61
CA GLU A 97 -20.92 -18.93 -2.63
C GLU A 97 -20.22 -18.04 -3.62
N TYR A 98 -20.88 -16.94 -3.97
CA TYR A 98 -20.37 -15.97 -4.92
C TYR A 98 -19.14 -15.29 -4.31
N LEU A 99 -19.32 -14.91 -3.04
CA LEU A 99 -18.29 -14.21 -2.23
C LEU A 99 -17.02 -15.02 -2.03
N ASP A 100 -17.18 -16.25 -1.62
CA ASP A 100 -16.05 -17.18 -1.40
C ASP A 100 -15.14 -17.31 -2.62
N GLU A 101 -15.74 -17.31 -3.82
CA GLU A 101 -15.04 -17.45 -5.11
C GLU A 101 -14.26 -16.14 -5.46
N MET A 102 -14.92 -14.97 -5.30
CA MET A 102 -14.25 -13.66 -5.48
C MET A 102 -13.04 -13.51 -4.55
N ILE A 103 -13.23 -13.94 -3.31
CA ILE A 103 -12.19 -13.87 -2.28
C ILE A 103 -11.04 -14.87 -2.50
N ALA A 104 -11.34 -16.05 -3.02
CA ALA A 104 -10.29 -17.04 -3.29
C ALA A 104 -9.32 -16.43 -4.27
N GLY A 105 -9.92 -15.82 -5.33
CA GLY A 105 -9.22 -15.08 -6.39
C GLY A 105 -8.45 -13.83 -5.93
N ILE A 106 -9.01 -13.10 -5.00
CA ILE A 106 -8.30 -11.96 -4.39
C ILE A 106 -7.02 -12.37 -3.60
N LYS A 107 -7.20 -13.33 -2.70
CA LYS A 107 -6.17 -13.89 -1.85
C LYS A 107 -5.05 -14.56 -2.66
N GLN A 108 -5.42 -15.14 -3.82
CA GLN A 108 -4.51 -15.70 -4.82
C GLN A 108 -3.56 -14.66 -5.42
N LEU A 109 -4.11 -13.50 -5.81
CA LEU A 109 -3.30 -12.31 -6.25
C LEU A 109 -2.32 -11.84 -5.21
N TRP A 110 -2.80 -11.67 -3.99
CA TRP A 110 -1.94 -11.23 -2.89
C TRP A 110 -0.91 -12.29 -2.53
N ALA A 111 -1.22 -13.58 -2.67
CA ALA A 111 -0.18 -14.60 -2.44
C ALA A 111 0.90 -14.50 -3.53
N LYS A 112 0.46 -14.27 -4.76
CA LYS A 112 1.30 -14.20 -5.96
C LYS A 112 2.16 -12.93 -6.00
N LEU A 113 1.68 -11.90 -5.33
CA LEU A 113 2.45 -10.67 -5.12
C LEU A 113 3.36 -10.78 -3.89
N GLU A 114 3.21 -11.87 -3.13
CA GLU A 114 3.93 -12.05 -1.87
C GLU A 114 3.60 -10.86 -0.94
N ILE A 115 2.28 -10.65 -0.72
CA ILE A 115 1.81 -9.62 0.26
C ILE A 115 1.97 -10.31 1.61
N SER A 116 2.69 -9.71 2.57
CA SER A 116 2.99 -10.30 3.90
C SER A 116 1.88 -9.97 4.92
N ASN A 117 0.65 -9.84 4.45
CA ASN A 117 -0.45 -9.61 5.38
C ASN A 117 -0.53 -10.75 6.40
N ASP A 118 -0.67 -10.34 7.64
CA ASP A 118 -0.82 -11.25 8.79
C ASP A 118 -2.26 -11.81 9.02
N ASP A 119 -3.23 -11.15 8.38
CA ASP A 119 -4.66 -11.54 8.48
C ASP A 119 -5.42 -10.98 7.27
N PHE A 120 -6.69 -11.38 7.13
CA PHE A 120 -7.52 -11.03 6.00
C PHE A 120 -8.94 -10.98 6.62
N ILE A 121 -9.49 -9.76 6.68
CA ILE A 121 -10.76 -9.57 7.31
C ILE A 121 -11.88 -9.58 6.28
N ARG A 122 -12.87 -10.48 6.50
CA ARG A 122 -14.03 -10.52 5.64
C ARG A 122 -15.23 -9.96 6.37
N THR A 123 -16.01 -9.06 5.74
CA THR A 123 -17.09 -8.44 6.53
C THR A 123 -18.22 -9.48 6.83
N THR A 124 -18.12 -10.60 6.16
CA THR A 124 -19.05 -11.65 6.39
C THR A 124 -18.63 -12.50 7.62
N GLU A 125 -17.48 -12.26 8.22
CA GLU A 125 -17.04 -12.98 9.42
C GLU A 125 -17.81 -12.56 10.70
N GLU A 126 -18.24 -13.56 11.47
CA GLU A 126 -18.87 -13.32 12.77
C GLU A 126 -18.10 -12.31 13.60
N ARG A 127 -16.77 -12.40 13.61
CA ARG A 127 -15.95 -11.45 14.38
C ARG A 127 -16.20 -10.01 13.98
N HIS A 128 -16.47 -9.80 12.68
CA HIS A 128 -16.78 -8.47 12.16
C HIS A 128 -18.23 -8.07 12.41
N LYS A 129 -19.13 -8.94 11.96
CA LYS A 129 -20.59 -8.77 12.12
C LYS A 129 -20.96 -8.51 13.59
N HIS A 130 -20.29 -9.17 14.55
CA HIS A 130 -20.59 -8.94 15.97
C HIS A 130 -20.22 -7.53 16.47
N VAL A 131 -19.02 -7.09 16.10
CA VAL A 131 -18.64 -5.68 16.25
C VAL A 131 -19.65 -4.73 15.62
N VAL A 132 -19.99 -4.89 14.33
CA VAL A 132 -20.94 -4.01 13.67
C VAL A 132 -22.25 -3.85 14.50
N GLU A 133 -22.81 -4.98 14.88
CA GLU A 133 -24.03 -5.03 15.70
C GLU A 133 -23.91 -4.21 16.96
N GLN A 134 -22.84 -4.43 17.70
CA GLN A 134 -22.65 -3.91 19.07
C GLN A 134 -22.37 -2.41 19.08
N VAL A 135 -21.48 -2.04 18.18
CA VAL A 135 -21.13 -0.66 17.83
C VAL A 135 -22.39 0.16 17.51
N PHE A 136 -23.24 -0.36 16.61
CA PHE A 136 -24.51 0.28 16.23
C PHE A 136 -25.43 0.45 17.45
N GLU A 137 -25.65 -0.64 18.18
CA GLU A 137 -26.56 -0.69 19.32
C GLU A 137 -26.13 0.30 20.43
N ARG A 138 -24.82 0.47 20.57
CA ARG A 138 -24.23 1.36 21.54
C ARG A 138 -24.42 2.83 21.20
N LEU A 139 -24.11 3.19 19.96
CA LEU A 139 -24.41 4.54 19.49
C LEU A 139 -25.91 4.88 19.55
N LEU A 140 -26.79 3.90 19.30
CA LEU A 140 -28.24 4.02 19.58
C LEU A 140 -28.55 4.38 21.02
N LYS A 141 -28.01 3.61 21.99
CA LYS A 141 -28.18 3.87 23.45
C LYS A 141 -27.64 5.21 23.90
N GLN A 142 -26.45 5.56 23.41
CA GLN A 142 -25.86 6.84 23.77
C GLN A 142 -26.71 7.96 23.23
N GLY A 143 -27.49 7.72 22.17
CA GLY A 143 -28.18 8.81 21.44
C GLY A 143 -27.42 9.49 20.28
N ASP A 144 -26.25 8.98 19.92
CA ASP A 144 -25.51 9.39 18.73
C ASP A 144 -26.20 9.07 17.39
N ILE A 145 -26.83 7.90 17.32
CA ILE A 145 -27.64 7.55 16.18
C ILE A 145 -29.13 7.68 16.51
N TYR A 146 -29.82 8.37 15.60
CA TYR A 146 -31.29 8.51 15.60
C TYR A 146 -31.98 8.15 14.21
N LEU A 147 -33.20 7.64 14.31
CA LEU A 147 -34.17 7.49 13.18
C LEU A 147 -34.65 8.82 12.55
N GLY A 148 -34.42 8.97 11.25
CA GLY A 148 -35.03 10.01 10.45
C GLY A 148 -35.24 9.52 9.02
N GLU A 149 -35.21 10.47 8.09
CA GLU A 149 -35.48 10.19 6.69
C GLU A 149 -34.28 10.73 5.89
N TYR A 150 -33.70 9.88 5.05
CA TYR A 150 -32.78 10.35 4.02
C TYR A 150 -33.59 10.77 2.74
N GLU A 151 -33.20 11.90 2.12
CA GLU A 151 -33.68 12.30 0.77
C GLU A 151 -32.49 12.43 -0.18
N GLY A 152 -32.53 11.79 -1.36
CA GLY A 152 -31.46 12.04 -2.31
C GLY A 152 -31.73 11.69 -3.77
N TRP A 153 -30.76 11.99 -4.63
CA TRP A 153 -30.89 11.75 -6.06
C TRP A 153 -30.28 10.44 -6.46
N TYR A 154 -31.09 9.38 -6.51
CA TYR A 154 -30.61 7.99 -6.54
C TYR A 154 -30.45 7.46 -7.98
N SER A 155 -29.41 6.65 -8.20
CA SER A 155 -29.19 5.93 -9.44
C SER A 155 -29.24 4.44 -9.13
N VAL A 156 -30.29 3.80 -9.64
CA VAL A 156 -30.61 2.36 -9.44
C VAL A 156 -29.41 1.50 -9.78
N PRO A 157 -28.90 1.61 -11.05
CA PRO A 157 -27.79 0.82 -11.59
C PRO A 157 -26.47 1.07 -10.90
N ASP A 158 -26.24 2.32 -10.46
CA ASP A 158 -25.03 2.65 -9.69
C ASP A 158 -25.10 2.24 -8.23
N GLU A 159 -26.33 2.02 -7.73
CA GLU A 159 -26.59 1.78 -6.32
C GLU A 159 -25.95 2.96 -5.50
N THR A 160 -26.13 4.20 -5.99
CA THR A 160 -25.44 5.37 -5.43
C THR A 160 -26.34 6.60 -5.48
N TYR A 161 -26.24 7.43 -4.45
CA TYR A 161 -26.94 8.70 -4.33
C TYR A 161 -25.95 9.81 -4.74
N TYR A 162 -26.46 10.86 -5.36
CA TYR A 162 -25.65 11.99 -5.83
C TYR A 162 -26.20 13.34 -5.40
N THR A 163 -25.31 14.30 -5.16
CA THR A 163 -25.76 15.66 -4.84
C THR A 163 -26.16 16.37 -6.12
N GLU A 164 -26.96 17.43 -6.00
CA GLU A 164 -27.43 18.21 -7.14
C GLU A 164 -26.24 18.64 -8.03
N SER A 165 -25.15 19.11 -7.42
CA SER A 165 -23.95 19.53 -8.17
C SER A 165 -23.16 18.37 -8.81
N GLN A 166 -23.35 17.13 -8.34
CA GLN A 166 -22.70 15.97 -8.97
C GLN A 166 -23.41 15.48 -10.24
N LEU A 167 -24.68 15.88 -10.41
CA LEU A 167 -25.49 15.53 -11.58
C LEU A 167 -24.93 16.05 -12.91
N VAL A 168 -24.94 15.17 -13.89
CA VAL A 168 -24.66 15.55 -15.27
C VAL A 168 -25.95 15.81 -16.05
N ASP A 169 -25.95 16.84 -16.91
CA ASP A 169 -27.12 17.17 -17.69
C ASP A 169 -28.33 17.44 -16.77
N PRO A 170 -28.17 18.30 -15.74
CA PRO A 170 -29.28 18.45 -14.80
C PRO A 170 -30.48 19.14 -15.46
N GLN A 171 -31.68 18.81 -14.98
CA GLN A 171 -32.90 19.35 -15.57
C GLN A 171 -33.47 20.31 -14.55
N TYR A 172 -33.76 21.52 -14.99
CA TYR A 172 -34.29 22.56 -14.15
C TYR A 172 -35.70 22.97 -14.62
N GLU A 173 -36.51 23.40 -13.68
CA GLU A 173 -37.83 23.87 -13.99
C GLU A 173 -38.09 25.10 -13.11
N ASN A 174 -38.19 26.27 -13.75
CA ASN A 174 -38.35 27.51 -13.02
C ASN A 174 -37.30 27.69 -11.90
N GLY A 175 -36.09 27.17 -12.14
CA GLY A 175 -34.94 27.38 -11.25
C GLY A 175 -34.70 26.29 -10.23
N LYS A 176 -35.54 25.28 -10.24
CA LYS A 176 -35.44 24.23 -9.27
C LYS A 176 -35.02 22.99 -10.01
N ILE A 177 -34.18 22.19 -9.35
CA ILE A 177 -33.67 20.95 -9.92
C ILE A 177 -34.74 19.87 -9.88
N ILE A 178 -35.03 19.26 -11.03
CA ILE A 178 -36.10 18.27 -11.13
C ILE A 178 -35.63 16.88 -11.66
N GLY A 179 -34.40 16.76 -12.08
CA GLY A 179 -33.94 15.47 -12.54
C GLY A 179 -32.50 15.64 -13.02
N GLY A 180 -31.91 14.59 -13.58
CA GLY A 180 -30.60 14.69 -14.18
C GLY A 180 -30.03 13.28 -14.27
N LYS A 181 -28.71 13.19 -14.47
CA LYS A 181 -28.08 11.91 -14.84
C LYS A 181 -26.95 11.59 -13.91
N SER A 182 -26.64 10.31 -13.78
CA SER A 182 -25.49 9.97 -12.96
C SER A 182 -24.21 10.34 -13.70
N PRO A 183 -23.25 11.00 -13.00
CA PRO A 183 -21.95 11.28 -13.64
C PRO A 183 -21.08 10.02 -13.86
N ASP A 184 -21.49 8.87 -13.30
CA ASP A 184 -20.78 7.61 -13.50
C ASP A 184 -21.22 6.83 -14.75
N SER A 185 -22.52 6.64 -14.89
CA SER A 185 -23.07 5.67 -15.84
C SER A 185 -23.91 6.42 -16.84
N GLY A 186 -24.37 7.60 -16.40
CA GLY A 186 -25.26 8.43 -17.19
C GLY A 186 -26.71 7.97 -17.14
N HIS A 187 -27.05 7.04 -16.26
CA HIS A 187 -28.44 6.65 -16.04
C HIS A 187 -29.16 7.83 -15.40
N GLU A 188 -30.43 8.01 -15.76
CA GLU A 188 -31.30 8.98 -15.12
C GLU A 188 -31.31 8.77 -13.58
N VAL A 189 -31.29 9.86 -12.82
CA VAL A 189 -31.46 9.79 -11.33
C VAL A 189 -32.96 10.02 -10.98
N GLU A 190 -33.36 9.56 -9.79
CA GLU A 190 -34.73 9.72 -9.28
C GLU A 190 -34.69 10.10 -7.80
N LEU A 191 -35.53 11.05 -7.40
CA LEU A 191 -35.56 11.50 -6.00
C LEU A 191 -36.17 10.41 -5.14
N VAL A 192 -35.46 10.09 -4.08
CA VAL A 192 -35.81 9.03 -3.19
C VAL A 192 -35.82 9.64 -1.81
N LYS A 193 -36.93 9.41 -1.10
CA LYS A 193 -37.03 9.57 0.34
C LYS A 193 -37.12 8.19 0.96
N GLU A 194 -36.36 8.00 2.03
CA GLU A 194 -36.25 6.69 2.71
C GLU A 194 -35.87 6.82 4.17
N GLU A 195 -36.33 5.87 4.94
CA GLU A 195 -36.09 5.92 6.37
C GLU A 195 -34.65 5.46 6.65
N SER A 196 -33.94 6.24 7.44
CA SER A 196 -32.54 5.94 7.75
C SER A 196 -32.26 6.29 9.16
N TYR A 197 -31.52 5.42 9.84
CA TYR A 197 -30.76 5.86 11.03
C TYR A 197 -29.65 6.88 10.65
N PHE A 198 -29.47 7.91 11.45
CA PHE A 198 -28.46 8.95 11.22
C PHE A 198 -27.60 9.05 12.43
N PHE A 199 -26.30 9.16 12.16
CA PHE A 199 -25.28 9.35 13.15
C PHE A 199 -24.96 10.85 13.16
N ASN A 200 -25.21 11.51 14.28
CA ASN A 200 -24.95 12.95 14.48
C ASN A 200 -23.46 13.33 14.71
N ILE A 201 -22.80 13.69 13.62
CA ILE A 201 -21.34 13.77 13.68
C ILE A 201 -20.82 15.20 13.95
N SER A 202 -21.61 16.22 13.65
CA SER A 202 -21.12 17.62 13.76
C SER A 202 -20.92 18.07 15.21
N LYS A 203 -21.38 17.21 16.11
CA LYS A 203 -21.22 17.41 17.52
C LYS A 203 -19.76 17.19 17.94
N TYR A 204 -19.02 16.41 17.14
CA TYR A 204 -17.61 16.15 17.35
C TYR A 204 -16.72 17.08 16.51
N THR A 205 -17.31 18.05 15.81
CA THR A 205 -16.54 18.88 14.90
C THR A 205 -15.30 19.52 15.57
N ASP A 206 -15.49 20.13 16.75
CA ASP A 206 -14.43 20.93 17.35
C ASP A 206 -13.32 20.08 17.95
N ARG A 207 -13.66 18.84 18.34
CA ARG A 207 -12.73 17.85 18.84
C ARG A 207 -11.79 17.38 17.72
N LEU A 208 -12.42 17.02 16.59
CA LEU A 208 -11.76 16.60 15.34
C LEU A 208 -10.74 17.65 14.91
N LEU A 209 -11.20 18.90 14.86
CA LEU A 209 -10.38 20.06 14.56
C LEU A 209 -9.26 20.25 15.57
N GLU A 210 -9.54 20.12 16.87
CA GLU A 210 -8.50 20.00 17.91
C GLU A 210 -7.59 18.77 17.69
N PHE A 211 -8.15 17.60 17.32
CA PHE A 211 -7.30 16.46 17.09
C PHE A 211 -6.36 16.74 15.90
N TYR A 212 -6.83 17.49 14.90
CA TYR A 212 -5.98 17.80 13.75
C TYR A 212 -4.86 18.72 14.23
N ASP A 213 -5.18 19.65 15.13
CA ASP A 213 -4.24 20.68 15.57
C ASP A 213 -3.12 20.07 16.41
N GLN A 214 -3.47 19.16 17.31
CA GLN A 214 -2.50 18.43 18.11
C GLN A 214 -1.77 17.28 17.35
N ASN A 215 -2.33 16.86 16.20
CA ASN A 215 -1.76 15.81 15.33
C ASN A 215 -1.58 16.29 13.87
N PRO A 216 -0.55 17.13 13.64
CA PRO A 216 -0.27 17.85 12.39
C PRO A 216 0.11 16.94 11.21
N ASP A 217 0.72 15.81 11.50
CA ASP A 217 1.11 14.83 10.50
C ASP A 217 -0.02 13.86 10.18
N PHE A 218 -1.21 14.06 10.78
CA PHE A 218 -2.33 13.08 10.70
C PHE A 218 -2.75 12.70 9.30
N ILE A 219 -2.94 13.68 8.44
CA ILE A 219 -3.43 13.49 7.10
C ILE A 219 -2.22 13.62 6.21
N GLN A 220 -1.92 12.53 5.50
CA GLN A 220 -0.89 12.46 4.44
C GLN A 220 -1.52 12.17 3.05
N PRO A 221 -1.21 12.99 2.04
CA PRO A 221 -0.34 14.18 2.10
C PRO A 221 -1.01 15.38 2.82
N PRO A 222 -0.20 16.23 3.53
CA PRO A 222 -0.79 17.22 4.45
C PRO A 222 -1.51 18.36 3.74
N SER A 223 -1.15 18.56 2.47
CA SER A 223 -1.86 19.48 1.59
C SER A 223 -3.32 19.07 1.40
N ARG A 224 -3.65 17.83 1.80
CA ARG A 224 -5.00 17.31 1.70
C ARG A 224 -5.91 17.85 2.83
N LYS A 225 -5.31 18.20 3.95
CA LYS A 225 -6.08 18.72 5.10
C LYS A 225 -6.96 19.97 4.84
N ASN A 226 -6.39 21.04 4.28
CA ASN A 226 -7.14 22.29 4.13
C ASN A 226 -8.33 22.21 3.15
N GLU A 227 -8.19 21.41 2.09
CA GLU A 227 -9.21 21.24 1.05
C GLU A 227 -10.48 20.66 1.66
N MET A 228 -10.23 19.90 2.73
CA MET A 228 -11.21 19.09 3.44
C MET A 228 -11.88 19.86 4.56
N ILE A 229 -11.09 20.68 5.28
CA ILE A 229 -11.61 21.62 6.27
C ILE A 229 -12.47 22.65 5.55
N ASN A 230 -12.00 23.07 4.39
CA ASN A 230 -12.72 23.98 3.52
C ASN A 230 -13.99 23.39 2.96
N ASN A 231 -13.86 22.28 2.26
CA ASN A 231 -14.96 21.74 1.49
C ASN A 231 -15.99 20.97 2.34
N PHE A 232 -15.57 20.47 3.49
CA PHE A 232 -16.38 19.47 4.23
C PHE A 232 -16.64 19.66 5.71
N ILE A 233 -15.66 20.18 6.44
CA ILE A 233 -15.83 20.44 7.87
C ILE A 233 -16.50 21.77 8.18
N LYS A 234 -16.06 22.85 7.52
CA LYS A 234 -16.60 24.16 7.85
C LYS A 234 -18.05 24.50 7.36
N PRO A 235 -18.51 23.92 6.23
CA PRO A 235 -19.92 24.05 5.75
C PRO A 235 -21.19 23.73 6.63
N GLY A 236 -21.18 23.01 7.77
CA GLY A 236 -20.20 22.07 8.30
C GLY A 236 -20.83 20.67 8.18
N LEU A 237 -20.64 19.77 9.15
CA LEU A 237 -20.90 18.30 8.87
C LEU A 237 -22.35 17.90 8.97
N ALA A 238 -22.85 17.26 7.92
CA ALA A 238 -24.22 16.78 7.93
C ALA A 238 -24.34 15.45 8.68
N ASP A 239 -25.48 15.23 9.33
CA ASP A 239 -25.76 13.93 9.93
C ASP A 239 -25.60 12.86 8.87
N LEU A 240 -24.97 11.77 9.25
CA LEU A 240 -24.64 10.69 8.32
C LEU A 240 -25.67 9.57 8.38
N ALA A 241 -26.33 9.28 7.25
CA ALA A 241 -27.31 8.17 7.17
C ALA A 241 -26.54 6.83 7.15
N VAL A 242 -26.75 5.99 8.15
CA VAL A 242 -25.85 4.86 8.39
C VAL A 242 -26.57 3.56 8.30
N SER A 243 -27.83 3.57 7.88
CA SER A 243 -28.51 2.30 7.65
C SER A 243 -29.52 2.55 6.56
N ARG A 244 -30.03 1.45 5.99
CA ARG A 244 -31.05 1.46 4.96
C ARG A 244 -31.95 0.28 5.17
N THR A 245 -33.12 0.37 4.60
CA THR A 245 -34.18 -0.64 4.67
C THR A 245 -34.31 -1.39 3.29
N SER A 246 -33.44 -1.04 2.34
CA SER A 246 -33.62 -1.42 0.94
C SER A 246 -32.83 -2.65 0.43
N PHE A 247 -31.93 -3.17 1.26
CA PHE A 247 -31.26 -4.43 0.94
C PHE A 247 -31.37 -5.42 2.15
N ASN A 248 -30.99 -6.67 1.92
CA ASN A 248 -31.04 -7.73 2.97
C ASN A 248 -29.65 -8.24 3.36
N TRP A 249 -28.74 -8.21 2.40
CA TRP A 249 -27.44 -8.84 2.51
C TRP A 249 -26.48 -7.90 3.23
N GLY A 250 -26.33 -8.10 4.54
CA GLY A 250 -25.67 -7.07 5.35
C GLY A 250 -25.98 -7.31 6.81
N VAL A 251 -25.40 -6.48 7.68
CA VAL A 251 -25.58 -6.69 9.13
C VAL A 251 -26.91 -5.99 9.55
N HIS A 252 -27.89 -6.73 10.08
CA HIS A 252 -29.15 -6.08 10.51
C HIS A 252 -29.02 -5.38 11.85
N VAL A 253 -29.73 -4.26 12.01
CA VAL A 253 -29.71 -3.47 13.26
C VAL A 253 -30.50 -4.28 14.26
N PRO A 254 -29.84 -4.83 15.32
CA PRO A 254 -30.54 -5.71 16.23
C PRO A 254 -31.87 -5.22 16.81
N SER A 255 -31.93 -3.99 17.31
CA SER A 255 -33.18 -3.50 17.91
C SER A 255 -34.26 -3.14 16.83
N ASN A 256 -33.84 -3.21 15.55
CA ASN A 256 -34.67 -2.87 14.42
C ASN A 256 -34.23 -3.55 13.10
N PRO A 257 -34.56 -4.85 12.92
CA PRO A 257 -33.98 -5.71 11.89
C PRO A 257 -34.37 -5.31 10.49
N LYS A 258 -35.46 -4.53 10.33
CA LYS A 258 -35.78 -4.10 8.96
C LYS A 258 -34.68 -3.15 8.42
N HIS A 259 -33.94 -2.53 9.33
CA HIS A 259 -32.81 -1.64 8.96
C HIS A 259 -31.48 -2.41 8.83
N VAL A 260 -30.75 -2.17 7.75
CA VAL A 260 -29.43 -2.80 7.55
C VAL A 260 -28.32 -1.79 7.56
N VAL A 261 -27.21 -2.13 8.23
CA VAL A 261 -26.09 -1.18 8.39
C VAL A 261 -25.50 -0.86 7.01
N TYR A 262 -25.50 0.44 6.69
CA TYR A 262 -24.94 0.90 5.42
C TYR A 262 -23.35 0.92 5.46
N VAL A 263 -22.69 1.41 4.39
CA VAL A 263 -21.24 1.24 4.22
C VAL A 263 -20.37 1.80 5.35
N TRP A 264 -20.77 2.96 5.90
CA TRP A 264 -19.84 3.69 6.76
C TRP A 264 -19.32 2.89 7.94
N ILE A 265 -20.23 2.46 8.81
CA ILE A 265 -19.92 1.74 10.05
C ILE A 265 -19.44 0.36 9.68
N ASP A 266 -20.18 -0.36 8.80
CA ASP A 266 -19.80 -1.71 8.39
C ASP A 266 -18.33 -1.77 7.90
N ALA A 267 -18.00 -1.01 6.87
CA ALA A 267 -16.60 -1.01 6.40
C ALA A 267 -15.61 -0.46 7.39
N LEU A 268 -15.85 0.69 8.06
CA LEU A 268 -14.71 1.24 8.92
C LEU A 268 -14.24 0.33 10.07
N VAL A 269 -15.18 -0.38 10.68
CA VAL A 269 -14.82 -1.11 11.91
C VAL A 269 -14.06 -2.43 11.62
N ASN A 270 -13.88 -2.72 10.35
CA ASN A 270 -12.97 -3.77 9.87
C ASN A 270 -11.62 -3.71 10.55
N TYR A 271 -11.09 -2.48 10.65
CA TYR A 271 -9.82 -2.24 11.36
C TYR A 271 -9.77 -2.61 12.84
N ILE A 272 -10.91 -2.71 13.54
CA ILE A 272 -10.91 -3.08 14.98
C ILE A 272 -11.54 -4.46 15.21
N SER A 273 -12.45 -4.86 14.32
CA SER A 273 -13.00 -6.22 14.36
C SER A 273 -11.94 -7.32 14.08
N ALA A 274 -11.01 -7.03 13.18
CA ALA A 274 -9.95 -7.98 12.83
C ALA A 274 -9.03 -8.30 14.03
N LEU A 275 -9.11 -7.46 15.06
CA LEU A 275 -8.26 -7.54 16.25
C LEU A 275 -8.95 -8.18 17.45
N GLY A 276 -10.17 -8.68 17.25
CA GLY A 276 -10.96 -9.32 18.30
C GLY A 276 -11.56 -8.30 19.24
N TYR A 277 -11.64 -7.05 18.83
CA TYR A 277 -12.41 -6.10 19.63
C TYR A 277 -13.81 -6.72 19.93
N LEU A 278 -14.24 -6.60 21.18
CA LEU A 278 -15.58 -6.99 21.67
C LEU A 278 -15.84 -8.46 21.57
N SER A 279 -14.79 -9.22 21.32
CA SER A 279 -14.87 -10.64 21.46
C SER A 279 -14.42 -11.04 22.90
N ASP A 280 -14.16 -12.32 23.04
CA ASP A 280 -13.72 -13.01 24.25
C ASP A 280 -12.20 -13.06 24.31
N ASP A 281 -11.56 -12.70 23.21
CA ASP A 281 -10.10 -12.57 23.19
C ASP A 281 -9.74 -11.34 22.38
N GLU A 282 -9.65 -10.22 23.12
CA GLU A 282 -9.26 -8.93 22.62
C GLU A 282 -7.77 -8.62 22.76
N SER A 283 -6.90 -9.64 22.82
CA SER A 283 -5.43 -9.40 23.01
C SER A 283 -4.76 -8.64 21.82
N LEU A 284 -5.03 -9.09 20.60
CA LEU A 284 -4.60 -8.38 19.41
C LEU A 284 -5.03 -6.91 19.40
N PHE A 285 -6.26 -6.61 19.83
CA PHE A 285 -6.78 -5.23 19.89
C PHE A 285 -6.05 -4.40 20.91
N ASN A 286 -5.91 -4.97 22.12
CA ASN A 286 -5.14 -4.39 23.21
C ASN A 286 -3.70 -4.15 22.80
N LYS A 287 -3.12 -5.10 22.07
CA LYS A 287 -1.78 -4.98 21.54
C LYS A 287 -1.59 -3.97 20.39
N TYR A 288 -2.42 -4.06 19.37
CA TYR A 288 -2.17 -3.29 18.17
C TYR A 288 -2.89 -1.95 17.97
N TRP A 289 -4.11 -1.81 18.50
CA TRP A 289 -4.84 -0.52 18.38
C TRP A 289 -4.21 0.61 19.26
N PRO A 290 -4.11 1.88 18.74
CA PRO A 290 -4.56 2.34 17.43
C PRO A 290 -3.58 2.01 16.33
N ALA A 291 -4.10 1.97 15.10
CA ALA A 291 -3.29 1.80 13.92
C ALA A 291 -2.27 2.91 13.78
N ASP A 292 -1.05 2.57 13.34
CA ASP A 292 0.00 3.59 13.02
C ASP A 292 -0.23 4.27 11.68
N ILE A 293 -0.73 3.50 10.71
CA ILE A 293 -1.05 3.99 9.36
C ILE A 293 -2.21 3.13 8.79
N HIS A 294 -3.29 3.81 8.45
CA HIS A 294 -4.25 3.40 7.44
C HIS A 294 -3.70 3.86 6.09
N LEU A 295 -3.53 2.95 5.16
CA LEU A 295 -3.13 3.36 3.81
C LEU A 295 -4.36 3.23 2.92
N MET A 296 -4.53 4.19 1.99
CA MET A 296 -5.69 4.19 1.08
C MET A 296 -5.48 4.98 -0.21
N ALA A 297 -6.35 4.69 -1.17
CA ALA A 297 -6.55 5.55 -2.34
C ALA A 297 -7.36 6.80 -1.94
N LYS A 298 -7.12 7.88 -2.67
CA LYS A 298 -7.60 9.18 -2.30
C LYS A 298 -9.12 9.32 -2.21
N GLU A 299 -9.88 8.60 -3.06
CA GLU A 299 -11.36 8.59 -3.04
C GLU A 299 -12.08 8.32 -1.69
N ILE A 300 -11.36 7.65 -0.79
CA ILE A 300 -11.88 7.32 0.55
C ILE A 300 -11.09 7.96 1.69
N VAL A 301 -10.23 8.91 1.37
CA VAL A 301 -9.45 9.54 2.40
C VAL A 301 -10.34 10.43 3.31
N ARG A 302 -11.32 11.09 2.73
CA ARG A 302 -12.26 11.94 3.48
C ARG A 302 -12.95 11.16 4.57
N PHE A 303 -13.36 9.94 4.22
CA PHE A 303 -14.05 8.99 5.12
C PHE A 303 -13.18 8.56 6.32
N HIS A 304 -11.88 8.37 6.08
CA HIS A 304 -10.94 7.94 7.12
C HIS A 304 -10.41 9.09 7.99
N SER A 305 -10.36 10.28 7.40
CA SER A 305 -10.02 11.55 8.12
C SER A 305 -11.12 12.22 8.95
N ILE A 306 -12.37 11.97 8.60
CA ILE A 306 -13.48 12.64 9.25
C ILE A 306 -14.39 11.66 9.96
N ILE A 307 -15.11 10.87 9.17
CA ILE A 307 -16.12 9.94 9.70
C ILE A 307 -15.44 8.96 10.71
N TRP A 308 -14.29 8.44 10.30
CA TRP A 308 -13.63 7.36 11.06
C TRP A 308 -13.18 7.78 12.46
N PRO A 309 -12.36 8.87 12.58
CA PRO A 309 -12.03 9.37 13.96
C PRO A 309 -13.27 9.77 14.79
N ILE A 310 -14.32 10.32 14.16
CA ILE A 310 -15.54 10.66 14.86
C ILE A 310 -16.29 9.46 15.49
N LEU A 311 -16.45 8.40 14.71
CA LEU A 311 -16.96 7.10 15.16
C LEU A 311 -16.11 6.55 16.32
N LEU A 312 -14.78 6.52 16.16
CA LEU A 312 -13.88 6.21 17.28
C LEU A 312 -14.12 7.08 18.53
N MET A 313 -14.25 8.42 18.39
CA MET A 313 -14.61 9.31 19.53
C MET A 313 -15.91 8.94 20.24
N ALA A 314 -16.90 8.51 19.43
CA ALA A 314 -18.21 8.08 19.92
C ALA A 314 -18.15 6.76 20.72
N LEU A 315 -17.06 5.99 20.49
CA LEU A 315 -16.80 4.68 21.08
C LEU A 315 -15.79 4.72 22.22
N ASP A 316 -15.28 5.94 22.46
CA ASP A 316 -14.26 6.21 23.46
C ASP A 316 -13.02 5.33 23.24
N LEU A 317 -12.60 5.28 21.98
CA LEU A 317 -11.48 4.48 21.55
C LEU A 317 -10.42 5.45 21.01
N PRO A 318 -9.11 5.11 21.18
CA PRO A 318 -8.03 5.94 20.61
C PRO A 318 -8.12 6.07 19.05
N LEU A 319 -7.69 7.23 18.51
CA LEU A 319 -7.76 7.54 17.08
C LEU A 319 -6.51 7.03 16.39
N PRO A 320 -6.60 6.69 15.08
CA PRO A 320 -5.40 6.17 14.42
C PRO A 320 -4.34 7.29 14.33
N LYS A 321 -3.05 6.93 14.22
CA LYS A 321 -1.95 7.94 14.31
C LYS A 321 -1.71 8.58 12.97
N LYS A 322 -2.02 7.84 11.88
CA LYS A 322 -1.81 8.38 10.52
C LYS A 322 -2.75 7.70 9.55
N VAL A 323 -3.20 8.47 8.57
CA VAL A 323 -3.94 7.98 7.39
C VAL A 323 -3.17 8.55 6.14
N PHE A 324 -2.98 7.72 5.11
CA PHE A 324 -2.13 8.05 3.92
C PHE A 324 -2.90 7.68 2.66
N ALA A 325 -3.24 8.70 1.85
CA ALA A 325 -3.89 8.46 0.55
C ALA A 325 -2.82 8.43 -0.55
N HIS A 326 -2.85 7.40 -1.39
CA HIS A 326 -1.99 7.43 -2.56
C HIS A 326 -2.83 7.88 -3.76
N GLY A 327 -2.15 8.22 -4.85
CA GLY A 327 -2.83 8.54 -6.09
C GLY A 327 -3.28 7.32 -6.90
N TRP A 328 -3.76 7.62 -8.08
CA TRP A 328 -4.16 6.60 -9.02
C TRP A 328 -3.09 6.34 -10.05
N ILE A 329 -3.08 5.11 -10.53
CA ILE A 329 -2.34 4.78 -11.72
C ILE A 329 -3.27 4.92 -12.94
N LEU A 330 -2.95 5.89 -13.77
CA LEU A 330 -3.78 6.26 -14.89
C LEU A 330 -3.22 5.71 -16.19
N MET A 331 -3.93 5.97 -17.28
CA MET A 331 -3.52 5.54 -18.61
C MET A 331 -3.26 6.74 -19.52
N LYS A 332 -3.61 6.60 -20.79
CA LYS A 332 -3.63 7.75 -21.67
C LYS A 332 -5.07 8.03 -22.14
N ASP A 333 -6.06 7.74 -21.28
CA ASP A 333 -7.47 7.69 -21.70
C ASP A 333 -8.68 7.70 -20.69
N GLY A 334 -8.51 7.98 -19.39
CA GLY A 334 -7.27 8.35 -18.71
C GLY A 334 -7.18 7.58 -17.42
N LYS A 335 -8.15 7.77 -16.52
CA LYS A 335 -8.28 6.95 -15.30
C LYS A 335 -8.70 5.49 -15.62
N MET A 336 -8.27 4.53 -14.78
CA MET A 336 -8.41 3.07 -15.07
C MET A 336 -9.64 2.30 -14.56
N SER A 337 -10.33 1.64 -15.51
CA SER A 337 -11.50 0.80 -15.21
C SER A 337 -11.77 -0.25 -16.31
N LYS A 338 -12.71 -1.15 -16.04
CA LYS A 338 -13.14 -2.16 -17.01
C LYS A 338 -13.70 -1.50 -18.26
N SER A 339 -14.42 -0.40 -18.05
CA SER A 339 -15.22 0.28 -19.08
C SER A 339 -14.40 0.90 -20.22
N LYS A 340 -13.43 1.73 -19.89
CA LYS A 340 -12.65 2.46 -20.91
C LYS A 340 -11.85 1.51 -21.82
N GLY A 341 -11.58 0.31 -21.32
CA GLY A 341 -10.82 -0.71 -22.03
C GLY A 341 -9.35 -0.55 -21.74
N ASN A 342 -9.07 -0.13 -20.51
CA ASN A 342 -7.72 0.28 -20.06
C ASN A 342 -7.23 -0.48 -18.82
N VAL A 343 -8.04 -1.44 -18.36
CA VAL A 343 -7.67 -2.32 -17.25
C VAL A 343 -6.36 -3.01 -17.54
N VAL A 344 -5.46 -2.99 -16.55
CA VAL A 344 -4.21 -3.74 -16.59
C VAL A 344 -4.26 -4.77 -15.46
N ASP A 345 -4.01 -6.02 -15.81
CA ASP A 345 -4.12 -7.18 -14.93
C ASP A 345 -2.74 -7.38 -14.35
N PRO A 346 -2.56 -7.07 -13.05
CA PRO A 346 -1.28 -7.32 -12.37
C PRO A 346 -0.80 -8.75 -12.62
N ASN A 347 -1.71 -9.70 -12.53
CA ASN A 347 -1.47 -11.11 -12.84
C ASN A 347 -0.69 -11.42 -14.14
N ILE A 348 -1.16 -10.86 -15.26
CA ILE A 348 -0.45 -11.05 -16.53
C ILE A 348 0.93 -10.37 -16.52
N LEU A 349 1.02 -9.19 -15.93
CA LEU A 349 2.33 -8.54 -15.68
C LEU A 349 3.40 -9.40 -14.96
N ILE A 350 3.03 -10.03 -13.83
CA ILE A 350 3.90 -11.00 -13.13
C ILE A 350 4.30 -12.13 -14.10
N ASP A 351 3.30 -12.67 -14.79
CA ASP A 351 3.54 -13.73 -15.79
C ASP A 351 4.38 -13.21 -16.96
N ARG A 352 3.90 -12.16 -17.61
CA ARG A 352 4.62 -11.60 -18.76
C ARG A 352 6.07 -11.25 -18.37
N TYR A 353 6.19 -10.46 -17.31
CA TYR A 353 7.39 -9.68 -17.01
C TYR A 353 8.14 -10.03 -15.70
N GLY A 354 7.55 -10.82 -14.80
CA GLY A 354 8.19 -11.16 -13.51
C GLY A 354 7.63 -10.36 -12.33
N LEU A 355 7.67 -10.97 -11.15
CA LEU A 355 7.21 -10.36 -9.91
C LEU A 355 7.96 -9.08 -9.56
N ASP A 356 9.26 -9.19 -9.42
CA ASP A 356 10.08 -8.03 -9.05
C ASP A 356 9.83 -6.84 -9.97
N ALA A 357 9.86 -7.05 -11.29
CA ALA A 357 9.45 -6.01 -12.25
C ALA A 357 8.15 -5.27 -11.90
N THR A 358 7.15 -6.05 -11.47
CA THR A 358 5.80 -5.53 -11.29
C THR A 358 5.75 -4.72 -10.01
N ARG A 359 6.29 -5.30 -8.95
CA ARG A 359 6.39 -4.61 -7.68
C ARG A 359 7.17 -3.31 -7.80
N TYR A 360 8.33 -3.39 -8.47
CA TYR A 360 9.18 -2.23 -8.80
C TYR A 360 8.47 -1.07 -9.55
N TYR A 361 7.78 -1.39 -10.65
CA TYR A 361 7.16 -0.39 -11.48
C TYR A 361 6.15 0.41 -10.63
N LEU A 362 5.33 -0.34 -9.90
CA LEU A 362 4.23 0.23 -9.09
C LEU A 362 4.76 1.20 -8.04
N MET A 363 5.79 0.76 -7.32
CA MET A 363 6.42 1.61 -6.30
C MET A 363 7.29 2.70 -6.85
N ARG A 364 7.88 2.45 -8.01
CA ARG A 364 8.82 3.40 -8.56
C ARG A 364 8.06 4.55 -9.30
N GLU A 365 6.93 4.24 -9.91
CA GLU A 365 6.23 5.18 -10.77
C GLU A 365 5.08 6.02 -10.14
N LEU A 366 4.91 5.94 -8.82
CA LEU A 366 3.87 6.67 -8.11
C LEU A 366 4.48 7.55 -7.04
N PRO A 367 4.63 8.81 -7.38
CA PRO A 367 5.18 9.73 -6.41
C PRO A 367 4.18 10.11 -5.29
N PHE A 368 4.74 10.52 -4.16
CA PHE A 368 3.97 10.96 -2.99
C PHE A 368 3.17 12.20 -3.42
N GLY A 369 1.85 12.23 -3.24
CA GLY A 369 1.08 13.42 -3.64
C GLY A 369 0.76 13.66 -5.12
N SER A 370 0.87 12.61 -5.93
CA SER A 370 0.68 12.65 -7.40
C SER A 370 0.03 11.35 -7.90
N ASP A 371 -0.58 11.41 -9.08
CA ASP A 371 -0.89 10.20 -9.80
C ASP A 371 0.35 9.78 -10.66
N GLY A 372 0.24 8.59 -11.22
CA GLY A 372 1.26 8.01 -12.05
C GLY A 372 0.56 7.51 -13.28
N VAL A 373 1.34 6.83 -14.13
CA VAL A 373 0.83 6.37 -15.43
C VAL A 373 1.34 4.98 -15.81
N PHE A 374 0.44 4.15 -16.33
CA PHE A 374 0.89 2.89 -16.91
C PHE A 374 0.86 3.02 -18.42
N THR A 375 2.02 2.72 -18.99
CA THR A 375 2.25 2.59 -20.40
C THR A 375 2.99 1.24 -20.43
N PRO A 376 2.62 0.31 -21.33
CA PRO A 376 3.44 -0.92 -21.49
C PRO A 376 4.90 -0.59 -21.82
N GLU A 377 5.09 0.46 -22.62
CA GLU A 377 6.40 0.95 -23.03
C GLU A 377 7.25 1.45 -21.84
N ALA A 378 6.67 2.31 -21.00
CA ALA A 378 7.30 2.76 -19.76
C ALA A 378 7.70 1.62 -18.84
N PHE A 379 6.83 0.61 -18.76
CA PHE A 379 7.10 -0.57 -17.94
C PHE A 379 8.40 -1.30 -18.33
N VAL A 380 8.52 -1.56 -19.62
CA VAL A 380 9.54 -2.46 -20.13
C VAL A 380 10.80 -1.69 -20.04
N GLU A 381 10.69 -0.40 -20.26
CA GLU A 381 11.80 0.52 -20.13
C GLU A 381 12.31 0.60 -18.71
N ARG A 382 11.41 0.67 -17.74
CA ARG A 382 11.89 0.72 -16.36
C ARG A 382 12.48 -0.58 -15.90
N THR A 383 11.95 -1.68 -16.40
CA THR A 383 12.38 -3.04 -16.00
C THR A 383 13.73 -3.31 -16.64
N ASN A 384 13.85 -2.85 -17.88
CA ASN A 384 15.06 -3.12 -18.64
C ASN A 384 16.16 -2.29 -18.12
N PHE A 385 15.98 -0.97 -18.13
CA PHE A 385 17.08 -0.04 -17.79
C PHE A 385 17.51 -0.04 -16.33
N ASP A 386 16.54 -0.05 -15.40
CA ASP A 386 16.83 -0.01 -13.96
C ASP A 386 17.23 -1.36 -13.44
N LEU A 387 16.38 -2.36 -13.65
CA LEU A 387 16.55 -3.68 -13.03
C LEU A 387 17.52 -4.55 -13.79
N ALA A 388 17.20 -4.88 -15.04
CA ALA A 388 18.08 -5.73 -15.83
C ALA A 388 19.41 -5.06 -16.13
N ASN A 389 19.46 -3.82 -16.60
CA ASN A 389 20.79 -3.27 -16.97
C ASN A 389 21.60 -2.79 -15.75
N ASP A 390 21.12 -1.74 -15.10
CA ASP A 390 21.82 -1.10 -14.00
C ASP A 390 22.13 -2.07 -12.88
N LEU A 391 21.11 -2.67 -12.31
CA LEU A 391 21.36 -3.61 -11.25
C LEU A 391 21.86 -4.97 -11.77
N GLY A 392 21.11 -5.62 -12.63
CA GLY A 392 21.45 -6.97 -13.07
C GLY A 392 22.84 -7.03 -13.66
N ASN A 393 23.18 -6.11 -14.55
CA ASN A 393 24.52 -6.11 -15.08
C ASN A 393 25.66 -5.68 -14.13
N LEU A 394 25.40 -4.77 -13.18
CA LEU A 394 26.38 -4.59 -12.13
C LEU A 394 26.67 -5.93 -11.46
N VAL A 395 25.68 -6.70 -11.10
CA VAL A 395 25.97 -7.94 -10.36
C VAL A 395 26.82 -8.91 -11.25
N ASN A 396 26.56 -8.93 -12.57
CA ASN A 396 27.11 -9.99 -13.40
C ASN A 396 28.50 -9.59 -13.76
N ARG A 397 28.69 -8.29 -14.07
CA ARG A 397 30.02 -7.76 -14.26
C ARG A 397 30.93 -8.12 -13.07
N THR A 398 30.41 -7.94 -11.87
CA THR A 398 31.19 -8.06 -10.63
C THR A 398 31.62 -9.51 -10.33
N ILE A 399 30.67 -10.43 -10.43
CA ILE A 399 30.98 -11.85 -10.30
C ILE A 399 31.88 -12.34 -11.42
N SER A 400 31.63 -11.88 -12.65
CA SER A 400 32.48 -12.32 -13.74
C SER A 400 33.92 -12.04 -13.39
N MET A 401 34.16 -10.83 -12.84
CA MET A 401 35.51 -10.33 -12.62
C MET A 401 36.20 -11.00 -11.43
N VAL A 402 35.42 -11.27 -10.39
CA VAL A 402 35.93 -11.95 -9.21
C VAL A 402 36.33 -13.37 -9.67
N ASN A 403 35.54 -13.99 -10.55
CA ASN A 403 35.83 -15.30 -11.16
C ASN A 403 36.97 -15.30 -12.18
N LYS A 404 37.15 -14.21 -12.93
CA LYS A 404 38.26 -14.11 -13.88
C LYS A 404 39.60 -13.91 -13.16
N TYR A 405 39.63 -12.99 -12.20
CA TYR A 405 40.88 -12.52 -11.58
C TYR A 405 41.34 -13.32 -10.39
N PHE A 406 40.39 -13.93 -9.69
CA PHE A 406 40.63 -14.56 -8.41
C PHE A 406 40.07 -15.97 -8.34
N ASP A 407 39.64 -16.47 -9.49
CA ASP A 407 38.92 -17.75 -9.57
C ASP A 407 37.90 -17.87 -8.42
N GLY A 408 36.92 -16.97 -8.41
CA GLY A 408 35.81 -17.02 -7.45
C GLY A 408 36.04 -16.62 -6.00
N GLU A 409 37.29 -16.42 -5.60
CA GLU A 409 37.60 -16.00 -4.23
C GLU A 409 37.66 -14.46 -4.08
N LEU A 410 36.68 -13.93 -3.36
CA LEU A 410 36.60 -12.51 -3.10
C LEU A 410 37.47 -12.09 -1.91
N PRO A 411 38.54 -11.30 -2.15
CA PRO A 411 39.36 -10.94 -1.01
C PRO A 411 38.51 -10.17 0.00
N ALA A 412 38.73 -10.47 1.28
CA ALA A 412 38.10 -9.78 2.39
C ALA A 412 38.34 -8.28 2.23
N TYR A 413 37.33 -7.49 2.59
CA TYR A 413 37.45 -6.04 2.70
C TYR A 413 38.57 -5.63 3.70
N GLN A 414 39.27 -4.53 3.42
CA GLN A 414 40.31 -4.00 4.32
C GLN A 414 40.04 -2.59 4.83
N GLY A 415 39.87 -1.67 3.88
CA GLY A 415 39.76 -0.23 4.15
C GLY A 415 39.44 0.48 2.84
N PRO A 416 39.37 1.80 2.86
CA PRO A 416 39.19 2.59 1.63
C PRO A 416 40.53 2.87 0.88
N LEU A 417 41.02 1.90 0.12
CA LEU A 417 42.39 1.91 -0.35
C LEU A 417 42.58 2.76 -1.59
N HIS A 418 41.50 2.96 -2.34
CA HIS A 418 41.57 3.59 -3.62
C HIS A 418 41.16 5.03 -3.45
N GLU A 419 41.81 5.93 -4.17
CA GLU A 419 41.52 7.38 -4.15
C GLU A 419 39.97 7.65 -4.06
N LEU A 420 39.15 6.79 -4.67
CA LEU A 420 37.71 7.10 -4.74
C LEU A 420 36.94 6.40 -3.61
N ASP A 421 37.59 5.53 -2.83
CA ASP A 421 36.85 4.69 -1.86
C ASP A 421 36.22 5.47 -0.69
N GLU A 422 36.88 6.54 -0.24
CA GLU A 422 36.45 7.24 0.94
C GLU A 422 35.13 7.96 0.71
N GLU A 423 35.01 8.70 -0.41
CA GLU A 423 33.74 9.33 -0.75
C GLU A 423 32.67 8.34 -1.23
N MET A 424 33.08 7.24 -1.90
CA MET A 424 32.10 6.18 -2.18
C MET A 424 31.52 5.48 -0.93
N GLU A 425 32.35 5.23 0.09
CA GLU A 425 31.81 4.64 1.32
C GLU A 425 30.94 5.63 2.07
N ALA A 426 31.33 6.90 2.06
CA ALA A 426 30.46 7.94 2.57
C ALA A 426 29.13 7.89 1.83
N MET A 427 29.18 7.73 0.49
CA MET A 427 27.96 7.73 -0.33
C MET A 427 27.06 6.58 0.07
N ALA A 428 27.65 5.43 0.40
CA ALA A 428 26.89 4.29 0.88
C ALA A 428 26.09 4.66 2.16
N LEU A 429 26.73 5.33 3.15
CA LEU A 429 26.02 5.72 4.38
C LEU A 429 25.03 6.81 4.07
N GLU A 430 25.44 7.76 3.23
CA GLU A 430 24.47 8.76 2.82
C GLU A 430 23.29 8.16 2.09
N THR A 431 23.50 7.12 1.29
CA THR A 431 22.39 6.42 0.65
C THR A 431 21.34 5.90 1.65
N VAL A 432 21.82 5.20 2.68
CA VAL A 432 20.99 4.60 3.71
C VAL A 432 20.25 5.70 4.48
N LYS A 433 20.95 6.78 4.83
CA LYS A 433 20.35 7.91 5.53
C LYS A 433 19.21 8.52 4.73
N SER A 434 19.46 8.79 3.44
CA SER A 434 18.46 9.48 2.64
C SER A 434 17.30 8.52 2.32
N TYR A 435 17.59 7.25 2.07
CA TYR A 435 16.55 6.18 1.94
C TYR A 435 15.63 6.13 3.16
N THR A 436 16.19 6.14 4.38
CA THR A 436 15.38 6.00 5.57
C THR A 436 14.46 7.25 5.72
N GLU A 437 15.02 8.45 5.47
CA GLU A 437 14.21 9.68 5.49
C GLU A 437 13.06 9.63 4.49
N SER A 438 13.32 9.10 3.30
CA SER A 438 12.21 8.90 2.32
C SER A 438 11.25 7.84 2.80
N MET A 439 11.73 6.71 3.32
CA MET A 439 10.79 5.68 3.81
C MET A 439 9.82 6.15 4.88
N GLU A 440 10.33 6.93 5.85
CA GLU A 440 9.51 7.58 6.95
C GLU A 440 8.49 8.64 6.51
N SER A 441 8.87 9.42 5.48
CA SER A 441 7.96 10.42 4.90
C SER A 441 7.09 9.84 3.80
N LEU A 442 7.04 8.50 3.72
CA LEU A 442 6.24 7.77 2.72
C LEU A 442 6.58 8.05 1.25
N GLN A 443 7.77 8.54 0.99
CA GLN A 443 8.20 8.91 -0.34
C GLN A 443 8.93 7.75 -1.01
N PHE A 444 8.18 6.70 -1.32
CA PHE A 444 8.81 5.47 -1.88
C PHE A 444 9.57 5.61 -3.23
N SER A 445 8.99 6.21 -4.24
CA SER A 445 9.73 6.43 -5.48
C SER A 445 11.07 7.18 -5.29
N VAL A 446 11.14 8.08 -4.30
CA VAL A 446 12.41 8.76 -3.94
C VAL A 446 13.42 7.81 -3.22
N ALA A 447 12.95 6.93 -2.31
CA ALA A 447 13.83 5.95 -1.68
C ALA A 447 14.43 5.08 -2.75
N LEU A 448 13.60 4.61 -3.68
CA LEU A 448 14.08 3.80 -4.83
C LEU A 448 15.07 4.52 -5.75
N SER A 449 14.77 5.73 -6.18
CA SER A 449 15.73 6.47 -7.04
C SER A 449 17.11 6.75 -6.36
N THR A 450 17.08 6.95 -5.04
CA THR A 450 18.27 7.18 -4.23
C THR A 450 19.16 5.95 -4.22
N VAL A 451 18.57 4.80 -3.94
CA VAL A 451 19.28 3.52 -4.11
C VAL A 451 19.86 3.40 -5.55
N TRP A 452 19.08 3.75 -6.58
CA TRP A 452 19.54 3.63 -7.97
C TRP A 452 20.65 4.66 -8.34
N LYS A 453 20.69 5.80 -7.62
CA LYS A 453 21.82 6.73 -7.74
C LYS A 453 23.15 6.04 -7.31
N PHE A 454 23.01 5.12 -6.36
CA PHE A 454 24.12 4.39 -5.74
C PHE A 454 24.51 3.18 -6.62
N ILE A 455 23.49 2.41 -7.03
CA ILE A 455 23.59 1.46 -8.13
C ILE A 455 24.37 1.97 -9.33
N SER A 456 23.96 3.09 -9.91
CA SER A 456 24.64 3.65 -11.07
C SER A 456 26.08 4.03 -10.79
N ARG A 457 26.32 4.64 -9.63
CA ARG A 457 27.65 5.11 -9.25
C ARG A 457 28.58 3.92 -9.04
N THR A 458 28.04 2.80 -8.56
CA THR A 458 28.84 1.57 -8.48
C THR A 458 29.27 0.99 -9.85
N ASN A 459 28.31 0.88 -10.79
CA ASN A 459 28.66 0.74 -12.23
C ASN A 459 29.75 1.76 -12.68
N LYS A 460 29.62 3.05 -12.36
CA LYS A 460 30.65 4.05 -12.74
C LYS A 460 32.05 3.66 -12.14
N TYR A 461 32.00 3.06 -10.97
CA TYR A 461 33.22 2.76 -10.25
C TYR A 461 33.99 1.68 -10.97
N ILE A 462 33.31 0.72 -11.61
CA ILE A 462 34.08 -0.25 -12.45
C ILE A 462 34.83 0.50 -13.58
N ASP A 463 34.13 1.43 -14.25
CA ASP A 463 34.71 2.14 -15.41
C ASP A 463 35.88 2.94 -14.97
N GLU A 464 35.78 3.44 -13.73
CA GLU A 464 36.77 4.27 -13.10
C GLU A 464 37.99 3.50 -12.63
N THR A 465 37.76 2.35 -11.98
CA THR A 465 38.88 1.59 -11.45
C THR A 465 39.54 0.68 -12.47
N THR A 466 38.85 0.44 -13.61
CA THR A 466 39.29 -0.40 -14.73
C THR A 466 40.06 -1.62 -14.29
N PRO A 467 39.40 -2.52 -13.55
CA PRO A 467 40.06 -3.63 -12.85
C PRO A 467 40.97 -4.46 -13.75
N TRP A 468 40.59 -4.61 -15.03
CA TRP A 468 41.30 -5.34 -16.06
C TRP A 468 42.70 -4.78 -16.33
N VAL A 469 42.88 -3.50 -16.09
CA VAL A 469 44.20 -2.84 -16.17
C VAL A 469 45.08 -3.27 -14.99
N LEU A 470 44.51 -3.19 -13.78
CA LEU A 470 45.09 -3.66 -12.51
C LEU A 470 45.45 -5.12 -12.55
N ALA A 471 44.59 -5.91 -13.19
CA ALA A 471 44.73 -7.33 -13.25
C ALA A 471 45.99 -7.71 -14.06
N LYS A 472 46.49 -6.79 -14.87
CA LYS A 472 47.68 -7.09 -15.66
C LYS A 472 48.99 -6.87 -14.91
N ASP A 473 48.91 -6.10 -13.83
CA ASP A 473 50.08 -5.78 -13.06
C ASP A 473 50.06 -6.57 -11.74
N ASP A 474 50.91 -7.59 -11.64
CA ASP A 474 50.96 -8.44 -10.46
C ASP A 474 51.13 -7.70 -9.12
N SER A 475 51.84 -6.58 -9.11
CA SER A 475 51.91 -5.73 -7.92
C SER A 475 50.64 -4.88 -7.64
N GLN A 476 49.51 -5.19 -8.28
CA GLN A 476 48.26 -4.47 -8.03
C GLN A 476 47.11 -5.35 -7.55
N LYS A 477 47.39 -6.60 -7.23
CA LYS A 477 46.38 -7.58 -6.77
C LYS A 477 45.65 -7.17 -5.48
N ASP A 478 46.35 -6.45 -4.61
CA ASP A 478 45.81 -5.88 -3.38
C ASP A 478 44.72 -4.85 -3.70
N MET A 479 45.07 -3.89 -4.58
CA MET A 479 44.12 -2.89 -5.04
C MET A 479 42.96 -3.52 -5.83
N LEU A 480 43.28 -4.49 -6.69
CA LEU A 480 42.31 -5.21 -7.48
C LEU A 480 41.28 -5.80 -6.54
N GLY A 481 41.74 -6.38 -5.44
CA GLY A 481 40.87 -6.98 -4.47
C GLY A 481 40.10 -5.93 -3.69
N ASN A 482 40.76 -4.80 -3.43
CA ASN A 482 40.07 -3.71 -2.77
C ASN A 482 38.88 -3.31 -3.65
N VAL A 483 39.14 -3.07 -4.94
CA VAL A 483 38.13 -2.67 -5.93
C VAL A 483 36.96 -3.67 -5.94
N MET A 484 37.32 -4.96 -5.91
CA MET A 484 36.31 -6.01 -5.92
C MET A 484 35.51 -5.98 -4.61
N ALA A 485 36.21 -5.78 -3.49
CA ALA A 485 35.60 -5.76 -2.16
C ALA A 485 34.48 -4.71 -2.16
N HIS A 486 34.77 -3.56 -2.76
CA HIS A 486 33.86 -2.41 -2.78
C HIS A 486 32.58 -2.64 -3.58
N LEU A 487 32.77 -3.04 -4.84
CA LEU A 487 31.74 -3.50 -5.72
C LEU A 487 30.78 -4.45 -5.00
N VAL A 488 31.30 -5.49 -4.36
CA VAL A 488 30.40 -6.44 -3.64
C VAL A 488 29.71 -5.77 -2.48
N GLU A 489 30.46 -4.98 -1.71
CA GLU A 489 29.87 -4.35 -0.52
C GLU A 489 28.80 -3.32 -0.89
N ASN A 490 28.99 -2.70 -2.04
CA ASN A 490 28.02 -1.79 -2.65
C ASN A 490 26.80 -2.51 -3.10
N ILE A 491 26.96 -3.67 -3.77
CA ILE A 491 25.85 -4.58 -4.12
C ILE A 491 25.05 -5.02 -2.89
N ARG A 492 25.75 -5.47 -1.85
CA ARG A 492 25.14 -5.92 -0.62
C ARG A 492 24.25 -4.84 0.03
N TYR A 493 24.79 -3.64 0.15
CA TYR A 493 23.99 -2.47 0.58
C TYR A 493 22.71 -2.30 -0.23
N ALA A 494 22.79 -2.47 -1.56
CA ALA A 494 21.63 -2.14 -2.38
C ALA A 494 20.59 -3.24 -2.20
N ALA A 495 21.05 -4.50 -2.11
CA ALA A 495 20.18 -5.68 -1.86
C ALA A 495 19.39 -5.61 -0.53
N VAL A 496 20.07 -5.13 0.52
CA VAL A 496 19.48 -4.93 1.83
C VAL A 496 18.41 -3.83 1.76
N LEU A 497 18.74 -2.66 1.22
CA LEU A 497 17.75 -1.61 0.98
C LEU A 497 16.53 -2.03 0.10
N LEU A 498 16.72 -2.95 -0.83
CA LEU A 498 15.66 -3.34 -1.74
C LEU A 498 14.72 -4.43 -1.22
N ARG A 499 15.09 -4.99 -0.08
CA ARG A 499 14.40 -6.14 0.50
C ARG A 499 12.90 -5.87 0.77
N PRO A 500 12.53 -4.64 1.27
CA PRO A 500 11.10 -4.32 1.41
C PRO A 500 10.28 -4.19 0.11
N PHE A 501 10.97 -3.88 -0.99
CA PHE A 501 10.43 -3.68 -2.29
C PHE A 501 10.36 -4.99 -3.14
N LEU A 502 11.50 -5.70 -3.19
CA LEU A 502 11.71 -6.83 -4.09
C LEU A 502 11.99 -8.08 -3.27
N THR A 503 11.16 -9.09 -3.48
CA THR A 503 11.21 -10.30 -2.70
C THR A 503 12.08 -11.38 -3.37
N HIS A 504 12.54 -11.13 -4.59
CA HIS A 504 13.38 -12.12 -5.27
C HIS A 504 14.83 -11.68 -5.47
N ALA A 505 15.01 -10.49 -6.01
CA ALA A 505 16.32 -9.99 -6.43
C ALA A 505 17.30 -10.02 -5.27
N PRO A 506 16.90 -9.46 -4.12
CA PRO A 506 17.88 -9.47 -3.01
C PRO A 506 18.35 -10.83 -2.61
N LYS A 507 17.45 -11.79 -2.49
CA LYS A 507 17.82 -13.11 -2.00
C LYS A 507 18.72 -13.81 -3.01
N GLU A 508 18.35 -13.68 -4.27
CA GLU A 508 19.07 -14.30 -5.32
C GLU A 508 20.46 -13.63 -5.52
N ILE A 509 20.57 -12.33 -5.23
CA ILE A 509 21.85 -11.61 -5.14
C ILE A 509 22.77 -12.16 -4.00
N PHE A 510 22.21 -12.36 -2.81
CA PHE A 510 22.98 -12.89 -1.69
C PHE A 510 23.48 -14.29 -1.95
N GLU A 511 22.65 -15.14 -2.59
CA GLU A 511 23.03 -16.53 -2.97
C GLU A 511 24.18 -16.47 -3.98
N GLN A 512 23.96 -15.75 -5.10
CA GLN A 512 24.98 -15.62 -6.14
C GLN A 512 26.36 -15.19 -5.56
N LEU A 513 26.34 -14.23 -4.64
CA LEU A 513 27.52 -13.76 -3.93
C LEU A 513 28.01 -14.70 -2.80
N ASN A 514 27.14 -15.61 -2.38
CA ASN A 514 27.47 -16.52 -1.32
C ASN A 514 27.59 -15.76 0.02
N ILE A 515 26.82 -14.67 0.13
CA ILE A 515 26.52 -14.02 1.41
C ILE A 515 25.35 -14.76 2.01
N ASN A 516 25.69 -15.52 3.05
CA ASN A 516 24.84 -16.59 3.53
C ASN A 516 24.41 -16.37 5.00
N ASN A 517 25.12 -15.50 5.70
CA ASN A 517 24.71 -15.10 7.03
C ASN A 517 23.51 -14.10 7.01
N PRO A 518 22.33 -14.52 7.53
CA PRO A 518 21.19 -13.66 7.75
C PRO A 518 21.51 -12.25 8.31
N GLN A 519 22.50 -12.11 9.20
CA GLN A 519 22.86 -10.80 9.78
C GLN A 519 23.32 -9.84 8.72
N PHE A 520 24.07 -10.34 7.75
CA PHE A 520 24.61 -9.51 6.69
C PHE A 520 23.52 -9.04 5.66
N MET A 521 22.25 -9.32 6.00
CA MET A 521 21.09 -9.04 5.16
C MET A 521 20.15 -8.05 5.86
N GLU A 522 20.53 -7.63 7.07
CA GLU A 522 19.73 -6.74 7.90
C GLU A 522 20.22 -5.29 7.85
N PHE A 523 19.34 -4.36 8.23
CA PHE A 523 19.64 -2.91 8.26
C PHE A 523 20.83 -2.58 9.16
N SER A 524 20.90 -3.20 10.34
CA SER A 524 22.02 -2.95 11.28
C SER A 524 23.39 -3.23 10.62
N SER A 525 23.44 -4.15 9.64
CA SER A 525 24.71 -4.55 8.98
C SER A 525 25.20 -3.47 8.05
N LEU A 526 24.41 -2.40 7.93
CA LEU A 526 24.79 -1.26 7.08
C LEU A 526 25.37 -0.07 7.82
N GLU A 527 25.46 -0.16 9.16
CA GLU A 527 25.94 0.96 9.96
C GLU A 527 27.44 1.21 9.69
N GLN A 528 28.20 0.15 9.42
CA GLN A 528 29.64 0.34 9.13
C GLN A 528 30.05 -0.38 7.82
N TYR A 529 30.61 0.38 6.88
CA TYR A 529 30.94 -0.12 5.53
C TYR A 529 32.08 -1.13 5.62
N GLY A 530 31.97 -2.21 4.85
CA GLY A 530 32.99 -3.27 4.78
C GLY A 530 32.95 -4.43 5.80
N VAL A 531 31.98 -5.29 5.62
CA VAL A 531 31.44 -6.20 6.64
C VAL A 531 31.97 -7.66 6.44
N LEU A 532 32.53 -7.91 5.25
CA LEU A 532 33.07 -9.24 4.89
C LEU A 532 34.59 -9.25 5.16
N THR A 533 34.91 -9.65 6.39
CA THR A 533 36.25 -9.53 6.95
C THR A 533 37.06 -10.78 6.59
N GLU A 534 36.36 -11.72 5.98
CA GLU A 534 36.90 -13.02 5.54
C GLU A 534 36.54 -13.30 4.04
N SER A 535 37.43 -14.03 3.36
CA SER A 535 37.27 -14.46 1.97
C SER A 535 35.99 -15.26 1.77
N ILE A 536 35.33 -15.07 0.63
CA ILE A 536 34.15 -15.88 0.28
C ILE A 536 34.24 -16.36 -1.19
N MET A 537 33.59 -17.48 -1.50
CA MET A 537 33.56 -18.03 -2.84
C MET A 537 32.27 -17.66 -3.56
N VAL A 538 32.29 -16.56 -4.30
CA VAL A 538 31.18 -16.15 -5.19
C VAL A 538 30.79 -17.32 -6.10
N THR A 539 29.58 -17.27 -6.67
CA THR A 539 29.12 -18.39 -7.53
C THR A 539 30.01 -18.68 -8.74
N GLY A 540 30.22 -19.97 -9.02
CA GLY A 540 30.88 -20.38 -10.25
C GLY A 540 30.06 -20.02 -11.48
N GLN A 541 28.73 -20.11 -11.34
CA GLN A 541 27.75 -20.06 -12.43
C GLN A 541 26.72 -18.96 -12.18
N PRO A 542 27.06 -17.70 -12.46
CA PRO A 542 26.09 -16.61 -12.26
C PRO A 542 25.08 -16.51 -13.39
N LYS A 543 23.81 -16.40 -13.02
CA LYS A 543 22.73 -16.25 -13.98
C LYS A 543 22.10 -14.85 -13.82
N PRO A 544 21.30 -14.37 -14.80
CA PRO A 544 20.67 -13.04 -14.66
C PRO A 544 19.76 -12.89 -13.43
N ILE A 545 19.94 -11.80 -12.68
CA ILE A 545 19.01 -11.45 -11.59
C ILE A 545 17.55 -11.38 -12.14
N PHE A 546 17.41 -10.75 -13.32
CA PHE A 546 16.11 -10.58 -13.95
C PHE A 546 16.00 -11.28 -15.32
N PRO A 547 15.29 -12.40 -15.36
CA PRO A 547 15.09 -12.99 -16.66
C PRO A 547 13.70 -12.66 -17.23
MG MG B . -37.47 -5.19 5.45
C1 3BJ C . -21.99 -1.29 0.33
C3 3BJ C . -21.15 -2.12 2.47
C4 3BJ C . -22.44 -2.24 2.99
C5 3BJ C . -23.51 -1.89 2.17
C6 3BJ C . -23.31 -1.42 0.85
N7 3BJ C . -21.46 -0.86 -0.85
C8 3BJ C . -20.12 -0.94 -0.82
C12 3BJ C . -17.96 1.18 -0.68
C14 3BJ C . -18.96 3.30 -0.66
C16 3BJ C . -17.03 2.92 0.53
C19 3BJ C . -20.01 5.48 -0.64
C10 3BJ C . -19.12 -0.55 -1.93
C20 3BJ C . -21.22 6.18 -1.25
C22 3BJ C . -21.98 4.37 -2.60
C23 3BJ C . -20.93 3.43 -2.03
C25 3BJ C . -15.24 2.68 2.08
C26 3BJ C . -14.55 1.59 1.52
C27 3BJ C . -13.60 0.91 2.30
C28 3BJ C . -13.37 1.31 3.62
CL2 3BJ C . -15.89 4.44 4.13
C30 3BJ C . -15.00 3.06 3.40
C29 3BJ C . -14.05 2.37 4.17
CL1 3BJ C . -12.17 0.47 4.64
N24 3BJ C . -16.11 3.41 1.35
N17 3BJ C . -16.98 1.63 0.12
N13 3BJ C . -18.94 2.01 -1.05
N18 3BJ C . -19.99 4.10 -1.11
O21 3BJ C . -21.48 5.70 -2.56
N15 3BJ C . -17.99 3.76 0.14
N11 3BJ C . -17.99 -0.06 -1.14
C2 3BJ C . -20.92 -1.64 1.15
N9 3BJ C . -19.81 -1.43 0.41
#